data_6AW3
#
_entry.id   6AW3
#
_cell.length_a   38.830
_cell.length_b   102.594
_cell.length_c   112.650
_cell.angle_alpha   90.00
_cell.angle_beta   90.00
_cell.angle_gamma   90.00
#
_symmetry.space_group_name_H-M   'P 2 2 21'
#
loop_
_entity.id
_entity.type
_entity.pdbx_description
1 polymer HopQ
2 polymer 'Carcinoembryonic antigen-related cell adhesion molecule 3'
3 water water
#
loop_
_entity_poly.entity_id
_entity_poly.type
_entity_poly.pdbx_seq_one_letter_code
_entity_poly.pdbx_strand_id
1 'polypeptide(L)'
;MGSSHHHHHHSQDPVQKVKNADKVQKLSDTYEQLSRLLTNDNGTNSKTSAQAINQAVNNLNERAKTLAGGTTNSPAYQAT
LLALRSVLGLWNSMGYAVICGGYTKSPGENNQKNFHYTDENGNGTTINCGGSTNSNGTHSSNGTNTLKADKNVSLSIEQY
EKIHESYQILSKALKQAGLAPLNSKGEKLEAHVTTSKYQQDSQTKTTTSVIDTTNDAQNLLTQAQTIVNTLKDYCPMLIA
KSSSGSGGGAATNTPSWQTAGGGKNSCETFGAEFSAASDMINNAQKIVQETQQLSANQPKNITQPHNLNLNTPSSLTALA
QKMLKNAQSQAEILKLANQVESDFNKLSSGHLKDYIGKCDMSAISSTNMTMQSQKNNWGNGCAGVEETLTSLKTSAADFN
NQTPQINQAQNLANTLIQELGNNPFRNMGMIASSTTNNG
;
B
2 'polypeptide(L)'
;MAKLTIESMPLSVAEGKEVLLLVHNLPQHLFGYSWYKGERVDGNSQIVGYVIGTQQATPGAAYSGRETIYTNASLLIQNV
TQNDIGFYTLQVIKSDLVNEEATGQFHVY
;
A
#
# COMPACT_ATOMS: atom_id res chain seq x y z
N SER A 49 -45.72 1.39 -28.69
CA SER A 49 -46.30 0.07 -29.10
C SER A 49 -45.57 -1.11 -28.44
N ALA A 50 -46.10 -2.31 -28.65
CA ALA A 50 -45.57 -3.53 -28.01
C ALA A 50 -44.21 -3.95 -28.57
N GLN A 51 -44.06 -3.95 -29.89
CA GLN A 51 -42.78 -4.27 -30.55
C GLN A 51 -41.68 -3.26 -30.17
N ALA A 52 -42.06 -2.00 -29.99
CA ALA A 52 -41.13 -0.92 -29.58
C ALA A 52 -40.67 -1.08 -28.13
N ILE A 53 -41.63 -1.31 -27.23
CA ILE A 53 -41.32 -1.57 -25.82
C ILE A 53 -40.47 -2.83 -25.68
N ASN A 54 -40.85 -3.89 -26.40
CA ASN A 54 -40.09 -5.15 -26.44
C ASN A 54 -38.68 -5.01 -27.05
N GLN A 55 -38.52 -4.15 -28.07
CA GLN A 55 -37.20 -3.89 -28.66
C GLN A 55 -36.27 -3.14 -27.69
N ALA A 56 -36.82 -2.16 -26.97
CA ALA A 56 -36.06 -1.40 -25.98
C ALA A 56 -35.63 -2.25 -24.77
N VAL A 57 -36.58 -2.98 -24.19
CA VAL A 57 -36.33 -3.90 -23.06
C VAL A 57 -35.25 -4.94 -23.41
N ASN A 58 -35.32 -5.51 -24.61
CA ASN A 58 -34.31 -6.45 -25.09
C ASN A 58 -32.92 -5.81 -25.23
N ASN A 59 -32.87 -4.58 -25.74
CA ASN A 59 -31.60 -3.84 -25.84
C ASN A 59 -31.00 -3.55 -24.46
N LEU A 60 -31.79 -3.01 -23.55
CA LEU A 60 -31.34 -2.80 -22.17
C LEU A 60 -30.77 -4.09 -21.59
N ASN A 61 -31.58 -5.14 -21.64
CA ASN A 61 -31.22 -6.43 -21.07
C ASN A 61 -30.04 -7.11 -21.75
N GLU A 62 -29.89 -6.94 -23.07
CA GLU A 62 -28.73 -7.48 -23.79
C GLU A 62 -27.45 -6.79 -23.32
N ARG A 63 -27.48 -5.45 -23.28
CA ARG A 63 -26.36 -4.63 -22.80
C ARG A 63 -26.09 -4.84 -21.29
N ALA A 64 -27.15 -4.94 -20.50
CA ALA A 64 -27.06 -5.21 -19.06
C ALA A 64 -26.44 -6.58 -18.77
N LYS A 65 -26.85 -7.60 -19.54
CA LYS A 65 -26.30 -8.95 -19.41
C LYS A 65 -24.78 -8.97 -19.67
N THR A 66 -24.34 -8.24 -20.70
CA THR A 66 -22.90 -8.11 -20.97
C THR A 66 -22.18 -7.26 -19.93
N LEU A 67 -22.74 -6.09 -19.61
CA LEU A 67 -22.10 -5.18 -18.65
C LEU A 67 -21.94 -5.80 -17.27
N ALA A 68 -22.94 -6.53 -16.80
CA ALA A 68 -22.94 -7.13 -15.46
C ALA A 68 -22.13 -8.43 -15.38
N GLY A 69 -22.36 -9.34 -16.32
CA GLY A 69 -21.79 -10.69 -16.27
C GLY A 69 -20.68 -10.99 -17.26
N GLY A 70 -20.34 -10.04 -18.12
CA GLY A 70 -19.28 -10.24 -19.11
C GLY A 70 -17.90 -9.98 -18.53
N THR A 71 -16.89 -10.56 -19.16
CA THR A 71 -15.50 -10.32 -18.79
C THR A 71 -14.83 -9.38 -19.80
N THR A 72 -14.46 -9.89 -20.97
CA THR A 72 -13.71 -9.09 -21.95
C THR A 72 -14.59 -8.01 -22.62
N ASN A 73 -15.88 -8.30 -22.76
CA ASN A 73 -16.83 -7.36 -23.36
C ASN A 73 -17.31 -6.26 -22.39
N SER A 74 -17.05 -6.42 -21.09
CA SER A 74 -17.58 -5.49 -20.07
C SER A 74 -16.57 -4.42 -19.64
N PRO A 75 -16.86 -3.12 -19.90
CA PRO A 75 -16.00 -2.06 -19.36
C PRO A 75 -16.08 -1.92 -17.82
N ALA A 76 -17.25 -2.25 -17.25
CA ALA A 76 -17.43 -2.34 -15.79
C ALA A 76 -16.45 -3.33 -15.17
N TYR A 77 -16.27 -4.46 -15.84
CA TYR A 77 -15.36 -5.51 -15.40
C TYR A 77 -13.91 -5.07 -15.59
N GLN A 78 -13.58 -4.62 -16.80
CA GLN A 78 -12.19 -4.26 -17.11
C GLN A 78 -11.71 -3.08 -16.27
N ALA A 79 -12.60 -2.13 -15.97
CA ALA A 79 -12.29 -1.03 -15.04
C ALA A 79 -11.93 -1.55 -13.65
N THR A 80 -12.76 -2.44 -13.13
CA THR A 80 -12.53 -3.07 -11.83
C THR A 80 -11.19 -3.80 -11.85
N LEU A 81 -11.00 -4.63 -12.86
CA LEU A 81 -9.76 -5.37 -13.03
C LEU A 81 -8.57 -4.44 -13.10
N LEU A 82 -8.71 -3.32 -13.80
CA LEU A 82 -7.63 -2.33 -13.91
C LEU A 82 -7.27 -1.79 -12.54
N ALA A 83 -8.28 -1.45 -11.75
CA ALA A 83 -8.06 -0.97 -10.38
C ALA A 83 -7.23 -1.97 -9.58
N LEU A 84 -7.64 -3.23 -9.66
CA LEU A 84 -6.97 -4.30 -8.95
C LEU A 84 -5.53 -4.42 -9.43
N ARG A 85 -5.35 -4.60 -10.73
CA ARG A 85 -4.02 -4.71 -11.32
C ARG A 85 -3.14 -3.49 -11.06
N SER A 86 -3.76 -2.32 -11.02
CA SER A 86 -3.05 -1.06 -10.74
C SER A 86 -2.46 -1.01 -9.33
N VAL A 87 -3.14 -1.62 -8.35
CA VAL A 87 -2.61 -1.67 -6.98
C VAL A 87 -1.47 -2.70 -6.85
N LEU A 88 -1.65 -3.87 -7.46
CA LEU A 88 -0.55 -4.83 -7.62
C LEU A 88 0.65 -4.17 -8.31
N GLY A 89 0.36 -3.39 -9.35
CA GLY A 89 1.38 -2.65 -10.07
C GLY A 89 2.10 -1.65 -9.19
N LEU A 90 1.31 -0.86 -8.47
CA LEU A 90 1.84 0.10 -7.50
C LEU A 90 2.78 -0.56 -6.51
N TRP A 91 2.36 -1.69 -5.93
CA TRP A 91 3.20 -2.37 -4.94
C TRP A 91 4.45 -2.98 -5.55
N ASN A 92 4.29 -3.66 -6.68
CA ASN A 92 5.44 -4.19 -7.43
C ASN A 92 6.45 -3.11 -7.84
N SER A 93 5.96 -1.90 -8.09
CA SER A 93 6.82 -0.80 -8.53
C SER A 93 7.62 -0.14 -7.42
N MET A 94 6.99 0.10 -6.27
CA MET A 94 7.63 0.86 -5.16
C MET A 94 7.51 0.26 -3.75
N GLY A 95 7.00 -0.98 -3.64
CA GLY A 95 6.76 -1.59 -2.34
C GLY A 95 8.04 -1.87 -1.59
N TYR A 96 9.02 -2.43 -2.30
CA TYR A 96 10.33 -2.80 -1.73
C TYR A 96 11.03 -1.65 -0.98
N ALA A 97 10.76 -0.42 -1.40
CA ALA A 97 11.35 0.76 -0.79
C ALA A 97 10.66 1.19 0.50
N VAL A 98 9.50 0.63 0.82
CA VAL A 98 8.73 1.06 1.99
C VAL A 98 9.43 0.61 3.28
N ILE A 99 9.81 1.57 4.11
CA ILE A 99 10.48 1.29 5.38
C ILE A 99 9.45 0.79 6.38
N CYS A 100 9.77 -0.36 7.00
CA CYS A 100 8.84 -1.07 7.88
C CYS A 100 9.54 -1.63 9.10
N GLY A 101 8.74 -2.00 10.09
CA GLY A 101 9.21 -2.65 11.30
C GLY A 101 9.66 -1.69 12.38
N GLY A 102 9.05 -0.51 12.43
CA GLY A 102 9.21 0.38 13.58
C GLY A 102 8.41 -0.19 14.73
N TYR A 103 8.81 0.13 15.95
CA TYR A 103 8.15 -0.44 17.14
C TYR A 103 6.81 0.21 17.44
N THR A 104 5.90 -0.57 17.99
CA THR A 104 4.54 -0.11 18.35
C THR A 104 4.39 0.20 19.85
N LYS A 105 4.90 -0.67 20.73
CA LYS A 105 4.81 -0.47 22.18
C LYS A 105 6.10 0.08 22.80
N SER A 106 7.25 -0.49 22.41
CA SER A 106 8.53 -0.23 23.09
C SER A 106 9.72 -0.55 22.17
N PRO A 107 10.87 0.13 22.36
CA PRO A 107 12.09 -0.29 21.65
C PRO A 107 12.66 -1.65 22.16
N GLY A 108 12.38 -1.97 23.42
CA GLY A 108 12.79 -3.24 24.06
C GLY A 108 11.94 -4.47 23.77
N GLU A 109 10.90 -4.30 22.95
CA GLU A 109 10.19 -5.43 22.33
C GLU A 109 10.75 -5.68 20.93
N ASN A 110 12.09 -5.80 20.80
CA ASN A 110 12.73 -5.75 19.47
C ASN A 110 12.31 -6.98 18.63
N ASN A 111 11.47 -6.70 17.63
CA ASN A 111 10.88 -7.70 16.75
C ASN A 111 11.32 -7.46 15.31
N GLN A 112 11.36 -8.55 14.56
CA GLN A 112 11.52 -8.52 13.13
C GLN A 112 10.51 -9.49 12.53
N LYS A 113 10.28 -9.35 11.24
CA LYS A 113 9.52 -10.34 10.49
C LYS A 113 9.87 -10.17 9.03
N ASN A 114 10.24 -11.27 8.40
CA ASN A 114 10.58 -11.28 6.99
C ASN A 114 9.35 -11.71 6.20
N PHE A 115 9.18 -11.11 5.03
CA PHE A 115 8.00 -11.31 4.19
C PHE A 115 8.43 -11.74 2.81
N HIS A 116 7.91 -12.89 2.36
CA HIS A 116 8.41 -13.56 1.17
C HIS A 116 7.56 -13.19 -0.03
N TYR A 117 8.21 -13.11 -1.18
CA TYR A 117 7.57 -12.84 -2.45
C TYR A 117 8.13 -13.86 -3.42
N THR A 118 7.27 -14.68 -4.03
CA THR A 118 7.70 -15.75 -4.94
C THR A 118 7.40 -15.38 -6.39
N ASP A 119 8.08 -16.04 -7.33
CA ASP A 119 8.12 -15.62 -8.75
C ASP A 119 8.40 -16.78 -9.72
N ASN A 123 12.15 -17.02 -8.99
CA ASN A 123 12.95 -15.82 -8.71
C ASN A 123 12.40 -15.06 -7.49
N GLY A 124 12.24 -15.78 -6.39
CA GLY A 124 11.67 -15.22 -5.16
C GLY A 124 12.57 -14.23 -4.44
N THR A 125 11.96 -13.38 -3.63
CA THR A 125 12.67 -12.42 -2.78
C THR A 125 12.04 -12.39 -1.39
N THR A 126 12.73 -11.72 -0.48
CA THR A 126 12.30 -11.59 0.91
C THR A 126 12.53 -10.17 1.41
N ILE A 127 11.60 -9.63 2.21
CA ILE A 127 11.73 -8.29 2.77
C ILE A 127 11.70 -8.34 4.29
N ASN A 128 12.76 -7.79 4.90
CA ASN A 128 12.94 -7.76 6.34
C ASN A 128 12.40 -6.46 6.94
N CYS A 129 11.42 -6.58 7.84
CA CYS A 129 10.94 -5.46 8.63
C CYS A 129 11.48 -5.57 10.04
N GLY A 130 12.14 -4.51 10.51
CA GLY A 130 12.63 -4.41 11.89
C GLY A 130 14.12 -4.19 11.94
N GLY A 131 14.86 -5.00 11.17
CA GLY A 131 16.31 -5.03 11.24
C GLY A 131 17.01 -3.93 10.49
N SER A 132 18.33 -4.06 10.43
CA SER A 132 19.20 -3.12 9.75
C SER A 132 20.45 -3.85 9.25
N THR A 133 21.27 -3.14 8.49
CA THR A 133 22.52 -3.66 7.99
C THR A 133 23.68 -2.86 8.62
N ASN A 134 24.63 -3.58 9.24
CA ASN A 134 25.79 -2.95 9.88
C ASN A 134 26.76 -2.36 8.87
N SER A 135 27.73 -1.58 9.35
CA SER A 135 28.77 -0.98 8.51
C SER A 135 29.51 -2.04 7.69
N ASN A 136 29.93 -3.11 8.36
CA ASN A 136 30.67 -4.20 7.69
C ASN A 136 29.84 -5.09 6.74
N GLY A 137 28.51 -4.98 6.78
CA GLY A 137 27.63 -5.71 5.86
C GLY A 137 26.80 -6.84 6.46
N THR A 138 27.05 -7.22 7.71
CA THR A 138 26.22 -8.23 8.38
C THR A 138 24.87 -7.65 8.77
N HIS A 139 23.92 -8.55 9.00
CA HIS A 139 22.59 -8.15 9.43
C HIS A 139 22.57 -7.81 10.93
N SER A 140 21.78 -6.81 11.29
CA SER A 140 21.60 -6.36 12.69
C SER A 140 20.16 -6.50 13.11
N SER A 141 19.93 -7.15 14.25
CA SER A 141 18.58 -7.29 14.80
C SER A 141 18.05 -5.98 15.40
N ASN A 142 18.91 -4.99 15.61
CA ASN A 142 18.49 -3.63 15.97
C ASN A 142 18.59 -2.73 14.76
N GLY A 143 17.45 -2.21 14.32
CA GLY A 143 17.38 -1.37 13.13
C GLY A 143 16.18 -0.46 13.22
N THR A 144 15.26 -0.59 12.27
CA THR A 144 14.06 0.26 12.22
C THR A 144 13.18 0.10 13.47
N ASN A 145 13.21 -1.10 14.04
CA ASN A 145 12.58 -1.39 15.35
C ASN A 145 13.13 -0.61 16.56
N THR A 146 14.24 0.10 16.41
CA THR A 146 14.71 1.02 17.45
C THR A 146 13.91 2.33 17.50
N LEU A 147 13.10 2.61 16.47
CA LEU A 147 12.36 3.87 16.38
C LEU A 147 10.88 3.58 16.18
N LYS A 148 10.05 4.41 16.79
CA LYS A 148 8.60 4.18 16.88
C LYS A 148 7.94 4.25 15.50
N ALA A 149 7.01 3.32 15.25
CA ALA A 149 6.21 3.35 14.03
C ALA A 149 5.09 4.40 14.16
N ASP A 150 4.94 5.25 13.16
CA ASP A 150 3.71 6.06 12.96
C ASP A 150 3.75 6.81 11.62
N LYS A 151 2.67 7.54 11.35
CA LYS A 151 2.59 8.51 10.25
C LYS A 151 3.94 9.19 9.96
N ASN A 152 4.38 9.11 8.69
CA ASN A 152 5.61 9.77 8.21
C ASN A 152 6.90 9.20 8.76
N VAL A 153 6.88 7.93 9.14
CA VAL A 153 8.07 7.28 9.71
C VAL A 153 8.26 5.90 9.09
N SER A 154 7.39 4.97 9.48
CA SER A 154 7.64 3.57 9.23
C SER A 154 6.39 2.81 9.59
N LEU A 155 6.06 1.82 8.77
CA LEU A 155 4.95 0.95 9.06
C LEU A 155 5.38 -0.03 10.15
N SER A 156 4.47 -0.31 11.07
CA SER A 156 4.69 -1.41 12.01
C SER A 156 4.67 -2.73 11.25
N ILE A 157 5.25 -3.76 11.86
CA ILE A 157 5.17 -5.14 11.35
C ILE A 157 3.73 -5.53 11.05
N GLU A 158 2.82 -5.12 11.94
CA GLU A 158 1.40 -5.42 11.82
C GLU A 158 0.79 -4.77 10.57
N GLN A 159 1.18 -3.52 10.30
CA GLN A 159 0.75 -2.83 9.09
C GLN A 159 1.37 -3.44 7.83
N TYR A 160 2.66 -3.77 7.87
CA TYR A 160 3.28 -4.42 6.70
C TYR A 160 2.67 -5.79 6.43
N GLU A 161 2.43 -6.60 7.47
CA GLU A 161 1.85 -7.92 7.25
C GLU A 161 0.43 -7.89 6.65
N LYS A 162 -0.32 -6.80 6.87
CA LYS A 162 -1.63 -6.64 6.21
C LYS A 162 -1.52 -6.36 4.71
N ILE A 163 -0.60 -5.45 4.35
CA ILE A 163 -0.28 -5.16 2.94
C ILE A 163 0.15 -6.44 2.24
N HIS A 164 1.10 -7.15 2.86
CA HIS A 164 1.64 -8.40 2.34
C HIS A 164 0.56 -9.48 2.21
N GLU A 165 -0.26 -9.64 3.24
CA GLU A 165 -1.38 -10.57 3.20
C GLU A 165 -2.34 -10.18 2.07
N SER A 166 -2.82 -8.94 2.09
CA SER A 166 -3.74 -8.42 1.07
C SER A 166 -3.20 -8.59 -0.35
N TYR A 167 -1.94 -8.24 -0.52
CA TYR A 167 -1.27 -8.36 -1.83
C TYR A 167 -1.24 -9.80 -2.28
N GLN A 168 -0.90 -10.71 -1.36
CA GLN A 168 -0.83 -12.14 -1.66
C GLN A 168 -2.19 -12.74 -1.97
N ILE A 169 -3.22 -12.35 -1.22
CA ILE A 169 -4.60 -12.77 -1.53
C ILE A 169 -4.98 -12.30 -2.93
N LEU A 170 -4.71 -11.03 -3.23
CA LEU A 170 -5.10 -10.40 -4.49
C LEU A 170 -4.34 -11.00 -5.66
N SER A 171 -3.02 -11.06 -5.53
CA SER A 171 -2.16 -11.67 -6.54
C SER A 171 -2.57 -13.11 -6.87
N LYS A 172 -2.75 -13.90 -5.82
CA LYS A 172 -3.07 -15.32 -5.98
C LYS A 172 -4.48 -15.53 -6.52
N ALA A 173 -5.43 -14.70 -6.11
CA ALA A 173 -6.81 -14.79 -6.58
C ALA A 173 -6.92 -14.53 -8.08
N LEU A 174 -6.28 -13.46 -8.55
CA LEU A 174 -6.30 -13.11 -9.98
C LEU A 174 -5.61 -14.16 -10.86
N LYS A 175 -4.60 -14.83 -10.32
CA LYS A 175 -3.94 -15.90 -11.04
C LYS A 175 -4.71 -17.21 -10.95
N GLN A 176 -5.02 -17.67 -9.73
CA GLN A 176 -5.69 -18.94 -9.52
C GLN A 176 -7.09 -19.03 -10.14
N ALA A 177 -7.84 -17.93 -10.10
CA ALA A 177 -9.24 -17.94 -10.58
C ALA A 177 -9.70 -16.74 -11.40
N GLY A 178 -8.81 -15.79 -11.69
CA GLY A 178 -9.21 -14.51 -12.27
C GLY A 178 -10.17 -13.74 -11.37
N LEU A 179 -10.60 -12.57 -11.83
CA LEU A 179 -11.67 -11.84 -11.17
C LEU A 179 -12.99 -12.51 -11.54
N ALA A 180 -13.82 -12.83 -10.55
CA ALA A 180 -15.16 -13.35 -10.83
C ALA A 180 -16.00 -12.25 -11.52
N PRO A 181 -16.98 -12.64 -12.35
CA PRO A 181 -17.88 -11.61 -12.89
C PRO A 181 -18.54 -10.80 -11.77
N LEU A 182 -18.92 -9.57 -12.09
CA LEU A 182 -19.37 -8.63 -11.06
C LEU A 182 -20.72 -8.99 -10.44
N ASN A 183 -21.57 -9.68 -11.21
CA ASN A 183 -22.84 -10.20 -10.67
C ASN A 183 -22.67 -11.58 -10.01
N SER A 184 -21.60 -12.30 -10.36
CA SER A 184 -21.28 -13.59 -9.76
C SER A 184 -20.99 -13.49 -8.26
N LYS A 185 -21.42 -14.49 -7.48
CA LYS A 185 -21.17 -14.52 -6.02
C LYS A 185 -19.69 -14.73 -5.71
N GLY A 186 -18.96 -15.38 -6.62
CA GLY A 186 -17.53 -15.61 -6.49
C GLY A 186 -17.22 -17.07 -6.27
N GLU A 187 -15.94 -17.40 -6.42
CA GLU A 187 -15.43 -18.77 -6.32
C GLU A 187 -14.41 -18.80 -5.20
N LYS A 188 -14.59 -19.72 -4.26
CA LYS A 188 -13.68 -19.85 -3.13
C LYS A 188 -12.33 -20.44 -3.57
N LEU A 189 -11.26 -20.05 -2.88
CA LEU A 189 -9.91 -20.47 -3.24
C LEU A 189 -8.94 -20.21 -2.08
N GLU A 190 -7.88 -21.02 -2.01
CA GLU A 190 -6.88 -20.92 -0.95
C GLU A 190 -5.72 -20.06 -1.43
N ALA A 191 -5.34 -19.09 -0.59
CA ALA A 191 -4.13 -18.28 -0.78
C ALA A 191 -3.05 -18.74 0.19
N HIS A 192 -1.80 -18.62 -0.23
CA HIS A 192 -0.66 -18.94 0.63
C HIS A 192 0.14 -17.67 0.92
N VAL A 193 0.53 -17.49 2.19
CA VAL A 193 1.31 -16.33 2.63
C VAL A 193 2.51 -16.82 3.43
N THR A 194 3.71 -16.60 2.90
CA THR A 194 4.94 -17.13 3.47
C THR A 194 5.74 -16.01 4.17
N THR A 195 6.02 -16.20 5.45
CA THR A 195 6.76 -15.22 6.24
C THR A 195 7.85 -15.93 7.04
N SER A 196 8.64 -15.17 7.79
CA SER A 196 9.66 -15.74 8.67
C SER A 196 9.92 -14.86 9.89
N LYS A 197 10.31 -15.50 10.99
CA LYS A 197 10.81 -14.82 12.18
C LYS A 197 12.21 -15.36 12.46
N TYR A 198 12.90 -14.72 13.40
CA TYR A 198 14.21 -15.17 13.87
C TYR A 198 14.07 -15.92 15.20
N GLN A 199 15.00 -16.84 15.48
CA GLN A 199 14.99 -17.66 16.69
C GLN A 199 16.37 -17.74 17.37
N GLN A 200 16.42 -18.42 18.52
CA GLN A 200 17.67 -18.58 19.30
C GLN A 200 18.58 -19.63 18.65
N GLN A 203 19.06 -19.67 13.89
CA GLN A 203 18.07 -20.38 13.08
C GLN A 203 16.91 -19.45 12.66
N THR A 204 16.43 -19.62 11.44
CA THR A 204 15.31 -18.85 10.87
C THR A 204 14.13 -19.77 10.61
N LYS A 205 12.93 -19.37 11.06
CA LYS A 205 11.73 -20.19 10.89
C LYS A 205 10.77 -19.63 9.84
N THR A 206 10.64 -20.35 8.74
CA THR A 206 9.68 -20.05 7.69
C THR A 206 8.31 -20.61 8.08
N THR A 207 7.26 -19.86 7.74
CA THR A 207 5.87 -20.24 8.01
C THR A 207 5.01 -19.82 6.83
N THR A 208 4.34 -20.78 6.19
CA THR A 208 3.40 -20.51 5.11
C THR A 208 1.97 -20.69 5.62
N SER A 209 1.18 -19.61 5.62
CA SER A 209 -0.20 -19.62 6.09
C SER A 209 -1.19 -19.91 4.97
N VAL A 210 -2.29 -20.59 5.30
CA VAL A 210 -3.42 -20.76 4.38
C VAL A 210 -4.49 -19.74 4.70
N ILE A 211 -5.06 -19.13 3.66
CA ILE A 211 -6.20 -18.22 3.80
C ILE A 211 -7.29 -18.63 2.82
N ASP A 212 -8.44 -19.06 3.36
CA ASP A 212 -9.63 -19.36 2.56
C ASP A 212 -10.25 -18.03 2.13
N THR A 213 -10.12 -17.71 0.85
CA THR A 213 -10.63 -16.45 0.31
C THR A 213 -11.42 -16.69 -0.95
N THR A 214 -11.89 -15.60 -1.56
CA THR A 214 -12.71 -15.63 -2.76
C THR A 214 -12.16 -14.62 -3.76
N ASN A 215 -12.68 -14.68 -4.99
CA ASN A 215 -12.25 -13.80 -6.08
C ASN A 215 -13.36 -12.87 -6.58
N ASP A 216 -14.38 -12.66 -5.75
CA ASP A 216 -15.41 -11.67 -6.08
C ASP A 216 -14.80 -10.28 -5.93
N ALA A 217 -15.24 -9.35 -6.77
CA ALA A 217 -14.76 -7.97 -6.75
C ALA A 217 -14.75 -7.35 -5.35
N GLN A 218 -15.85 -7.54 -4.60
CA GLN A 218 -16.01 -6.87 -3.30
C GLN A 218 -14.85 -7.21 -2.37
N ASN A 219 -14.54 -8.50 -2.27
CA ASN A 219 -13.42 -8.99 -1.48
C ASN A 219 -12.09 -8.47 -2.01
N LEU A 220 -11.86 -8.62 -3.32
CA LEU A 220 -10.57 -8.21 -3.93
C LEU A 220 -10.32 -6.71 -3.86
N LEU A 221 -11.36 -5.90 -4.02
CA LEU A 221 -11.25 -4.44 -3.86
C LEU A 221 -10.88 -4.06 -2.43
N THR A 222 -11.38 -4.81 -1.45
CA THR A 222 -11.03 -4.62 -0.04
C THR A 222 -9.55 -4.85 0.24
N GLN A 223 -8.97 -5.83 -0.46
CA GLN A 223 -7.54 -6.13 -0.31
C GLN A 223 -6.73 -4.99 -0.90
N ALA A 224 -7.09 -4.56 -2.10
CA ALA A 224 -6.44 -3.42 -2.74
C ALA A 224 -6.55 -2.17 -1.89
N GLN A 225 -7.75 -1.91 -1.38
CA GLN A 225 -8.03 -0.76 -0.52
C GLN A 225 -7.11 -0.72 0.69
N THR A 226 -6.90 -1.88 1.31
CA THR A 226 -5.96 -2.04 2.43
C THR A 226 -4.55 -1.60 2.07
N ILE A 227 -4.06 -2.03 0.92
CA ILE A 227 -2.73 -1.65 0.43
C ILE A 227 -2.62 -0.13 0.27
N VAL A 228 -3.54 0.47 -0.48
CA VAL A 228 -3.45 1.90 -0.81
C VAL A 228 -3.68 2.77 0.43
N ASN A 229 -4.71 2.45 1.20
CA ASN A 229 -5.03 3.28 2.38
C ASN A 229 -3.96 3.18 3.45
N THR A 230 -3.30 2.04 3.59
CA THR A 230 -2.18 1.93 4.55
C THR A 230 -1.05 2.89 4.17
N LEU A 231 -0.70 2.95 2.88
CA LEU A 231 0.31 3.89 2.40
C LEU A 231 -0.21 5.32 2.49
N LYS A 232 -1.42 5.55 1.97
CA LYS A 232 -2.03 6.89 1.92
C LYS A 232 -2.17 7.55 3.30
N ASP A 233 -2.49 6.75 4.32
CA ASP A 233 -2.77 7.26 5.67
C ASP A 233 -1.58 7.32 6.63
N TYR A 234 -0.58 6.45 6.45
CA TYR A 234 0.58 6.40 7.37
C TYR A 234 1.89 6.88 6.75
N CYS A 235 1.90 7.05 5.43
CA CYS A 235 2.99 7.74 4.75
C CYS A 235 4.40 7.32 5.16
N PRO A 236 4.66 5.99 5.16
CA PRO A 236 5.97 5.53 5.59
C PRO A 236 7.07 6.05 4.69
N MET A 237 8.21 6.40 5.28
CA MET A 237 9.40 6.81 4.53
C MET A 237 9.85 5.73 3.56
N LEU A 238 10.71 6.13 2.64
CA LEU A 238 11.24 5.25 1.63
C LEU A 238 12.75 5.13 1.77
N ILE A 239 13.26 3.98 1.35
CA ILE A 239 14.68 3.69 1.37
C ILE A 239 15.32 4.40 0.17
N ALA A 240 16.56 4.88 0.35
CA ALA A 240 17.31 5.53 -0.71
C ALA A 240 18.26 4.57 -1.42
N LYS A 241 18.87 5.03 -2.51
CA LYS A 241 19.97 4.28 -3.14
C LYS A 241 21.24 4.42 -2.27
N SER A 242 22.09 3.39 -2.32
CA SER A 242 23.45 3.47 -1.78
C SER A 242 24.35 4.16 -2.81
N SER A 243 25.09 5.19 -2.38
CA SER A 243 25.93 5.99 -3.28
C SER A 243 27.18 5.26 -3.74
N THR A 254 17.51 0.41 -10.95
CA THR A 254 16.86 1.20 -9.91
C THR A 254 16.05 2.36 -10.51
N PRO A 255 14.82 2.61 -10.02
CA PRO A 255 14.03 3.67 -10.63
C PRO A 255 14.57 5.07 -10.39
N SER A 256 14.14 6.00 -11.23
CA SER A 256 14.54 7.41 -11.17
C SER A 256 14.05 8.08 -9.89
N TRP A 257 12.85 7.74 -9.45
CA TRP A 257 12.26 8.30 -8.22
C TRP A 257 13.04 7.97 -6.92
N GLN A 258 13.71 6.82 -6.89
CA GLN A 258 14.52 6.45 -5.72
C GLN A 258 15.82 7.24 -5.79
N THR A 259 15.89 8.29 -4.97
CA THR A 259 16.79 9.42 -5.21
C THR A 259 18.28 9.07 -5.21
N ALA A 260 18.75 8.58 -4.06
CA ALA A 260 20.19 8.42 -3.69
C ALA A 260 20.67 9.46 -2.67
N GLY A 261 20.02 10.62 -2.63
CA GLY A 261 20.39 11.66 -1.68
C GLY A 261 19.96 11.31 -0.27
N GLY A 262 18.95 12.02 0.22
CA GLY A 262 18.39 11.77 1.54
C GLY A 262 17.54 10.51 1.50
N GLY A 263 16.25 10.66 1.77
CA GLY A 263 15.30 9.57 1.69
C GLY A 263 13.92 10.19 1.77
N LYS A 264 13.09 9.96 0.77
CA LYS A 264 11.84 10.71 0.63
C LYS A 264 10.69 10.00 1.35
N ASN A 265 9.66 10.78 1.68
CA ASN A 265 8.44 10.29 2.32
C ASN A 265 7.49 9.81 1.23
N SER A 266 6.84 8.67 1.45
CA SER A 266 6.04 8.02 0.39
C SER A 266 4.88 8.88 -0.13
N CYS A 267 4.18 9.55 0.78
CA CYS A 267 3.12 10.49 0.41
C CYS A 267 3.65 11.78 -0.25
N GLU A 268 4.92 12.12 0.03
CA GLU A 268 5.62 13.22 -0.65
C GLU A 268 5.93 12.80 -2.09
N THR A 269 6.48 11.60 -2.25
CA THR A 269 6.85 11.10 -3.58
C THR A 269 5.64 10.64 -4.42
N PHE A 270 4.64 10.05 -3.78
CA PHE A 270 3.53 9.42 -4.50
C PHE A 270 2.15 9.90 -4.06
N GLY A 271 2.05 11.12 -3.54
CA GLY A 271 0.74 11.68 -3.17
C GLY A 271 -0.29 11.56 -4.27
N ALA A 272 0.04 12.11 -5.43
CA ALA A 272 -0.84 12.07 -6.62
C ALA A 272 -1.20 10.64 -7.02
N GLU A 273 -0.19 9.77 -7.03
CA GLU A 273 -0.37 8.36 -7.40
C GLU A 273 -1.24 7.61 -6.40
N PHE A 274 -1.04 7.87 -5.10
CA PHE A 274 -1.85 7.26 -4.05
C PHE A 274 -3.32 7.68 -4.11
N SER A 275 -3.56 8.97 -4.35
CA SER A 275 -4.91 9.48 -4.54
C SER A 275 -5.56 8.85 -5.77
N ALA A 276 -4.80 8.76 -6.86
CA ALA A 276 -5.30 8.14 -8.10
C ALA A 276 -5.63 6.68 -7.88
N ALA A 277 -4.68 5.95 -7.29
CA ALA A 277 -4.89 4.55 -6.91
C ALA A 277 -6.08 4.39 -5.97
N SER A 278 -6.19 5.29 -4.99
CA SER A 278 -7.33 5.29 -4.07
C SER A 278 -8.64 5.54 -4.78
N ASP A 279 -8.67 6.57 -5.62
CA ASP A 279 -9.87 6.91 -6.40
C ASP A 279 -10.27 5.81 -7.36
N MET A 280 -9.30 5.11 -7.92
CA MET A 280 -9.59 3.95 -8.78
C MET A 280 -10.43 2.91 -8.04
N ILE A 281 -10.04 2.62 -6.78
CA ILE A 281 -10.73 1.65 -5.93
C ILE A 281 -12.14 2.13 -5.56
N ASN A 282 -12.24 3.39 -5.10
CA ASN A 282 -13.55 3.94 -4.71
C ASN A 282 -14.53 3.88 -5.88
N ASN A 283 -14.06 4.22 -7.09
CA ASN A 283 -14.91 4.17 -8.28
C ASN A 283 -15.24 2.75 -8.70
N ALA A 284 -14.25 1.86 -8.63
CA ALA A 284 -14.47 0.43 -8.91
C ALA A 284 -15.52 -0.19 -7.99
N GLN A 285 -15.48 0.14 -6.70
CA GLN A 285 -16.50 -0.32 -5.75
C GLN A 285 -17.88 0.23 -6.14
N LYS A 286 -17.93 1.50 -6.50
CA LYS A 286 -19.18 2.13 -6.96
C LYS A 286 -19.74 1.43 -8.20
N ILE A 287 -18.86 0.98 -9.09
CA ILE A 287 -19.24 0.15 -10.23
C ILE A 287 -19.94 -1.13 -9.76
N VAL A 288 -19.39 -1.77 -8.74
CA VAL A 288 -19.96 -3.02 -8.22
C VAL A 288 -21.35 -2.80 -7.63
N GLN A 289 -21.53 -1.69 -6.91
CA GLN A 289 -22.83 -1.36 -6.32
C GLN A 289 -23.91 -1.01 -7.34
N GLU A 290 -23.56 -0.24 -8.37
CA GLU A 290 -24.50 0.05 -9.47
C GLU A 290 -24.78 -1.20 -10.32
N THR A 291 -23.85 -2.15 -10.35
CA THR A 291 -24.03 -3.40 -11.08
C THR A 291 -25.00 -4.36 -10.38
N GLN A 292 -25.04 -4.35 -9.06
CA GLN A 292 -26.03 -5.16 -8.34
C GLN A 292 -27.42 -4.50 -8.36
N GLN A 293 -27.46 -3.16 -8.37
CA GLN A 293 -28.69 -2.40 -8.67
C GLN A 293 -29.24 -2.81 -10.04
N LEU A 294 -28.36 -2.84 -11.04
CA LEU A 294 -28.69 -3.26 -12.40
C LEU A 294 -29.18 -4.71 -12.44
N SER A 295 -28.40 -5.61 -11.84
CA SER A 295 -28.72 -7.04 -11.78
C SER A 295 -30.12 -7.32 -11.20
N ALA A 296 -30.47 -6.60 -10.13
CA ALA A 296 -31.75 -6.78 -9.44
C ALA A 296 -32.77 -5.75 -9.91
N ASN A 297 -32.83 -5.54 -11.22
CA ASN A 297 -33.69 -4.51 -11.82
C ASN A 297 -33.80 -4.77 -13.33
N GLN A 298 -34.32 -5.96 -13.67
CA GLN A 298 -34.45 -6.42 -15.05
C GLN A 298 -35.90 -6.29 -15.51
N PRO A 299 -36.18 -5.35 -16.44
CA PRO A 299 -37.57 -5.20 -16.93
C PRO A 299 -38.06 -6.43 -17.70
N LYS A 300 -39.29 -6.86 -17.40
CA LYS A 300 -39.90 -8.04 -18.04
C LYS A 300 -40.61 -7.63 -19.34
N ASN A 301 -40.36 -8.40 -20.41
CA ASN A 301 -41.02 -8.20 -21.71
C ASN A 301 -42.56 -8.30 -21.61
N ILE A 302 -43.24 -7.48 -22.41
CA ILE A 302 -44.70 -7.46 -22.44
C ILE A 302 -45.17 -8.65 -23.26
N THR A 303 -45.97 -9.52 -22.63
CA THR A 303 -46.63 -10.65 -23.29
C THR A 303 -48.13 -10.42 -23.23
N GLN A 304 -48.85 -10.98 -24.19
CA GLN A 304 -50.29 -10.72 -24.38
C GLN A 304 -50.56 -9.19 -24.45
N PRO A 305 -49.96 -8.50 -25.45
CA PRO A 305 -49.97 -7.03 -25.50
C PRO A 305 -51.34 -6.35 -25.52
N HIS A 306 -52.33 -7.00 -26.14
CA HIS A 306 -53.67 -6.46 -26.26
C HIS A 306 -54.48 -6.59 -24.94
N ASN A 307 -54.03 -7.46 -24.04
CA ASN A 307 -54.72 -7.72 -22.77
C ASN A 307 -54.61 -6.52 -21.80
N LEU A 308 -55.65 -5.70 -21.75
CA LEU A 308 -55.69 -4.52 -20.87
C LEU A 308 -55.84 -4.84 -19.37
N ASN A 309 -56.23 -6.08 -19.04
CA ASN A 309 -56.25 -6.56 -17.65
C ASN A 309 -54.86 -7.03 -17.19
N LEU A 310 -54.18 -7.79 -18.04
CA LEU A 310 -52.83 -8.30 -17.75
C LEU A 310 -51.81 -7.16 -17.75
N ASN A 311 -51.77 -6.43 -18.85
CA ASN A 311 -50.89 -5.29 -19.01
C ASN A 311 -51.66 -4.03 -18.63
N THR A 312 -51.86 -3.84 -17.32
CA THR A 312 -52.52 -2.65 -16.78
C THR A 312 -51.53 -1.46 -16.75
N PRO A 313 -51.99 -0.25 -17.16
CA PRO A 313 -51.19 1.00 -17.06
C PRO A 313 -50.42 1.24 -15.76
N SER A 314 -50.86 0.64 -14.65
CA SER A 314 -50.10 0.62 -13.39
C SER A 314 -48.79 -0.15 -13.53
N SER A 315 -48.88 -1.46 -13.75
CA SER A 315 -47.69 -2.32 -13.89
C SER A 315 -46.89 -2.07 -15.18
N LEU A 316 -47.44 -1.25 -16.07
CA LEU A 316 -46.72 -0.77 -17.26
C LEU A 316 -45.87 0.45 -16.94
N THR A 317 -46.41 1.41 -16.17
CA THR A 317 -45.61 2.53 -15.66
C THR A 317 -44.56 2.06 -14.64
N ALA A 318 -44.84 0.95 -13.93
CA ALA A 318 -43.87 0.29 -13.07
C ALA A 318 -42.69 -0.22 -13.90
N LEU A 319 -43.01 -0.94 -14.98
CA LEU A 319 -42.01 -1.41 -15.96
C LEU A 319 -41.24 -0.26 -16.61
N ALA A 320 -41.96 0.79 -16.99
CA ALA A 320 -41.38 1.96 -17.68
C ALA A 320 -40.30 2.66 -16.85
N GLN A 321 -40.52 2.74 -15.55
CA GLN A 321 -39.55 3.33 -14.62
C GLN A 321 -38.60 2.27 -14.04
N LYS A 322 -38.93 1.00 -14.18
CA LYS A 322 -37.97 -0.09 -13.98
C LYS A 322 -36.89 -0.06 -15.08
N MET A 323 -37.30 0.23 -16.31
CA MET A 323 -36.39 0.40 -17.45
C MET A 323 -35.41 1.58 -17.27
N LEU A 324 -35.89 2.66 -16.67
CA LEU A 324 -35.08 3.86 -16.44
C LEU A 324 -33.99 3.60 -15.39
N LYS A 325 -34.34 2.89 -14.32
CA LYS A 325 -33.36 2.47 -13.30
C LYS A 325 -32.26 1.61 -13.92
N ASN A 326 -32.65 0.74 -14.84
CA ASN A 326 -31.70 -0.08 -15.59
C ASN A 326 -30.76 0.80 -16.45
N ALA A 327 -31.33 1.78 -17.14
CA ALA A 327 -30.56 2.72 -17.98
C ALA A 327 -29.63 3.64 -17.18
N GLN A 328 -30.13 4.17 -16.07
CA GLN A 328 -29.34 5.08 -15.23
C GLN A 328 -28.18 4.39 -14.52
N SER A 329 -28.34 3.11 -14.18
CA SER A 329 -27.22 2.30 -13.67
C SER A 329 -26.15 2.17 -14.75
N GLN A 330 -26.57 1.75 -15.94
CA GLN A 330 -25.67 1.60 -17.10
C GLN A 330 -24.90 2.88 -17.44
N ALA A 331 -25.56 4.04 -17.33
CA ALA A 331 -24.90 5.33 -17.55
C ALA A 331 -23.81 5.58 -16.53
N GLU A 332 -24.18 5.45 -15.25
CA GLU A 332 -23.27 5.70 -14.13
C GLU A 332 -22.10 4.70 -14.11
N ILE A 333 -22.39 3.44 -14.47
CA ILE A 333 -21.34 2.41 -14.57
C ILE A 333 -20.32 2.80 -15.66
N LEU A 334 -20.80 3.10 -16.85
CA LEU A 334 -19.93 3.56 -17.95
C LEU A 334 -19.20 4.87 -17.64
N LYS A 335 -19.88 5.75 -16.90
CA LYS A 335 -19.28 7.01 -16.45
C LYS A 335 -18.17 6.73 -15.43
N LEU A 336 -18.46 5.86 -14.46
CA LEU A 336 -17.45 5.42 -13.47
C LEU A 336 -16.26 4.73 -14.12
N ALA A 337 -16.54 3.81 -15.04
CA ALA A 337 -15.49 3.11 -15.79
C ALA A 337 -14.56 4.08 -16.55
N ASN A 338 -15.15 5.11 -17.16
CA ASN A 338 -14.37 6.16 -17.83
C ASN A 338 -13.57 7.03 -16.84
N GLN A 339 -14.08 7.22 -15.62
CA GLN A 339 -13.31 7.88 -14.56
C GLN A 339 -12.14 7.00 -14.10
N VAL A 340 -12.36 5.70 -14.00
CA VAL A 340 -11.31 4.74 -13.59
C VAL A 340 -10.15 4.73 -14.59
N GLU A 341 -10.45 4.94 -15.88
CA GLU A 341 -9.42 5.10 -16.92
C GLU A 341 -8.70 6.44 -16.77
N SER A 342 -9.45 7.49 -16.48
CA SER A 342 -8.86 8.80 -16.20
C SER A 342 -7.96 8.71 -14.98
N ASP A 343 -8.45 8.02 -13.94
CA ASP A 343 -7.67 7.78 -12.73
C ASP A 343 -6.42 6.94 -12.99
N PHE A 344 -6.50 5.97 -13.91
CA PHE A 344 -5.30 5.24 -14.32
C PHE A 344 -4.25 6.13 -14.99
N ASN A 345 -4.70 7.08 -15.82
CA ASN A 345 -3.77 8.02 -16.47
C ASN A 345 -3.05 8.92 -15.46
N LYS A 346 -3.80 9.40 -14.45
CA LYS A 346 -3.22 10.12 -13.30
C LYS A 346 -2.15 9.27 -12.58
N LEU A 347 -2.49 8.01 -12.32
CA LEU A 347 -1.57 7.09 -11.66
C LEU A 347 -0.30 6.89 -12.49
N SER A 348 -0.49 6.61 -13.78
CA SER A 348 0.57 6.08 -14.61
C SER A 348 1.43 7.10 -15.33
N SER A 349 1.24 8.39 -15.06
CA SER A 349 1.96 9.40 -15.86
C SER A 349 2.83 10.37 -15.04
N GLY A 350 3.13 10.01 -13.79
CA GLY A 350 4.15 10.68 -12.99
C GLY A 350 5.38 9.80 -12.88
N HIS A 351 5.92 9.71 -11.66
CA HIS A 351 7.10 8.90 -11.36
C HIS A 351 7.09 7.48 -11.93
N LEU A 352 5.91 6.86 -11.97
CA LEU A 352 5.75 5.48 -12.48
C LEU A 352 5.53 5.33 -14.00
N LYS A 353 5.61 6.42 -14.78
CA LYS A 353 5.36 6.37 -16.24
C LYS A 353 6.17 5.30 -16.97
N ASP A 354 7.45 5.20 -16.67
CA ASP A 354 8.33 4.21 -17.31
C ASP A 354 8.39 2.86 -16.58
N TYR A 355 7.53 2.64 -15.59
CA TYR A 355 7.65 1.51 -14.68
C TYR A 355 6.40 0.65 -14.58
N ILE A 356 5.28 1.24 -14.16
CA ILE A 356 4.08 0.44 -13.84
C ILE A 356 3.59 -0.44 -15.00
N GLY A 357 3.69 0.05 -16.22
CA GLY A 357 3.14 -0.65 -17.37
C GLY A 357 3.95 -1.79 -17.94
N LYS A 358 5.19 -1.95 -17.50
CA LYS A 358 6.10 -2.94 -18.10
C LYS A 358 6.61 -4.01 -17.13
N CYS A 359 7.30 -4.99 -17.70
CA CYS A 359 7.87 -6.12 -16.98
C CYS A 359 8.92 -6.78 -17.85
N ASP A 360 9.89 -7.45 -17.22
CA ASP A 360 10.90 -8.21 -17.97
C ASP A 360 11.57 -9.29 -17.12
N ALA A 363 16.80 -6.71 -11.30
CA ALA A 363 18.14 -6.76 -10.72
C ALA A 363 18.38 -5.67 -9.67
N ILE A 364 17.33 -4.96 -9.25
CA ILE A 364 17.46 -3.87 -8.28
C ILE A 364 17.40 -4.43 -6.86
N SER A 365 17.95 -3.67 -5.91
CA SER A 365 18.12 -4.15 -4.53
C SER A 365 17.73 -3.13 -3.47
N SER A 366 17.76 -3.60 -2.22
CA SER A 366 17.82 -2.75 -1.04
C SER A 366 18.51 -3.53 0.07
N THR A 367 18.92 -2.84 1.14
CA THR A 367 19.64 -3.49 2.25
C THR A 367 18.75 -4.38 3.13
N ASN A 368 17.43 -4.15 3.10
CA ASN A 368 16.45 -5.01 3.79
C ASN A 368 15.83 -6.09 2.88
N MET A 369 16.49 -6.38 1.75
CA MET A 369 15.98 -7.30 0.71
C MET A 369 17.05 -8.35 0.37
N THR A 370 16.61 -9.60 0.20
CA THR A 370 17.48 -10.69 -0.27
C THR A 370 16.74 -11.52 -1.33
N MET A 371 17.38 -11.73 -2.48
CA MET A 371 16.80 -12.49 -3.60
C MET A 371 17.27 -13.94 -3.59
N GLN A 372 16.41 -14.84 -4.07
CA GLN A 372 16.75 -16.27 -4.21
C GLN A 372 17.84 -16.46 -5.26
N SER A 373 17.62 -15.87 -6.44
CA SER A 373 18.65 -15.74 -7.47
C SER A 373 19.27 -14.33 -7.35
N GLN A 374 19.41 -13.60 -8.46
CA GLN A 374 19.74 -12.17 -8.40
C GLN A 374 18.99 -11.34 -9.46
N LYS A 375 17.84 -11.84 -9.94
CA LYS A 375 17.09 -11.17 -11.00
C LYS A 375 15.98 -10.30 -10.40
N ASN A 376 14.90 -10.94 -9.94
CA ASN A 376 13.65 -10.29 -9.45
C ASN A 376 13.06 -9.12 -10.28
N ASN A 377 11.77 -8.86 -10.05
CA ASN A 377 11.00 -7.91 -10.86
C ASN A 377 10.52 -6.70 -10.07
N TRP A 378 11.28 -6.32 -9.03
CA TRP A 378 10.98 -5.09 -8.27
C TRP A 378 11.37 -3.86 -9.08
N GLY A 379 10.63 -2.77 -8.90
CA GLY A 379 10.89 -1.52 -9.60
C GLY A 379 9.93 -1.23 -10.75
N ASN A 380 9.30 -2.28 -11.30
CA ASN A 380 8.30 -2.12 -12.35
C ASN A 380 7.09 -3.05 -12.13
N GLY A 381 5.95 -2.65 -12.66
CA GLY A 381 4.65 -3.11 -12.18
C GLY A 381 4.25 -4.56 -12.38
N CYS A 382 4.65 -5.16 -13.50
CA CYS A 382 4.34 -6.58 -13.80
C CYS A 382 2.91 -6.99 -13.39
N ALA A 383 1.93 -6.24 -13.85
CA ALA A 383 0.51 -6.52 -13.56
C ALA A 383 -0.42 -6.47 -14.76
N GLY A 384 0.12 -6.45 -15.98
CA GLY A 384 -0.67 -6.39 -17.21
C GLY A 384 -1.65 -5.23 -17.32
N VAL A 385 -1.29 -4.09 -16.76
CA VAL A 385 -2.16 -2.91 -16.73
C VAL A 385 -2.39 -2.31 -18.11
N GLU A 386 -1.35 -2.29 -18.95
CA GLU A 386 -1.48 -1.79 -20.32
C GLU A 386 -2.40 -2.69 -21.14
N GLU A 387 -2.27 -4.00 -20.96
CA GLU A 387 -3.16 -4.96 -21.60
C GLU A 387 -4.62 -4.75 -21.20
N THR A 388 -4.84 -4.51 -19.90
CA THR A 388 -6.19 -4.28 -19.34
C THR A 388 -6.73 -2.92 -19.73
N LEU A 389 -5.86 -1.92 -19.79
CA LEU A 389 -6.24 -0.57 -20.28
C LEU A 389 -6.84 -0.63 -21.68
N THR A 390 -6.21 -1.39 -22.59
CA THR A 390 -6.72 -1.51 -23.97
C THR A 390 -8.04 -2.27 -24.01
N SER A 391 -8.14 -3.35 -23.24
CA SER A 391 -9.39 -4.11 -23.12
C SER A 391 -10.53 -3.24 -22.60
N LEU A 392 -10.22 -2.33 -21.67
CA LEU A 392 -11.20 -1.34 -21.18
C LEU A 392 -11.63 -0.39 -22.30
N LYS A 393 -10.66 0.10 -23.08
CA LYS A 393 -10.94 1.00 -24.21
C LYS A 393 -11.73 0.31 -25.31
N THR A 394 -11.38 -0.93 -25.62
CA THR A 394 -12.04 -1.73 -26.66
C THR A 394 -13.48 -2.11 -26.30
N SER A 395 -13.73 -2.39 -25.01
CA SER A 395 -15.08 -2.67 -24.52
C SER A 395 -15.95 -1.42 -24.35
N ALA A 396 -15.34 -0.29 -23.97
CA ALA A 396 -16.07 0.97 -23.74
C ALA A 396 -16.60 1.64 -25.02
N ALA A 397 -15.90 1.46 -26.13
CA ALA A 397 -16.35 1.98 -27.43
C ALA A 397 -17.54 1.20 -28.00
N ASP A 398 -17.68 -0.08 -27.62
CA ASP A 398 -18.83 -0.89 -27.99
C ASP A 398 -20.09 -0.39 -27.29
N PHE A 399 -19.95 -0.08 -26.00
CA PHE A 399 -21.04 0.52 -25.22
C PHE A 399 -21.25 2.00 -25.56
N ASN A 400 -20.19 2.74 -25.87
CA ASN A 400 -20.29 4.18 -26.24
C ASN A 400 -21.06 4.43 -27.54
N ASN A 401 -21.05 3.45 -28.45
CA ASN A 401 -21.82 3.51 -29.71
C ASN A 401 -23.24 2.88 -29.62
N GLN A 402 -23.54 2.15 -28.54
CA GLN A 402 -24.91 1.68 -28.25
C GLN A 402 -25.82 2.75 -27.63
N THR A 403 -25.28 3.93 -27.31
CA THR A 403 -26.03 5.04 -26.66
C THR A 403 -27.27 5.53 -27.43
N PRO A 404 -27.23 5.57 -28.78
CA PRO A 404 -28.45 5.77 -29.58
C PRO A 404 -29.61 4.82 -29.25
N GLN A 405 -29.31 3.53 -29.08
CA GLN A 405 -30.31 2.54 -28.64
C GLN A 405 -30.80 2.83 -27.21
N ILE A 406 -29.87 3.21 -26.32
CA ILE A 406 -30.17 3.52 -24.90
C ILE A 406 -31.00 4.80 -24.73
N ASN A 407 -30.68 5.83 -25.50
CA ASN A 407 -31.41 7.09 -25.46
C ASN A 407 -32.81 7.00 -26.10
N GLN A 408 -32.96 6.09 -27.07
CA GLN A 408 -34.27 5.74 -27.63
C GLN A 408 -35.20 5.14 -26.56
N ALA A 409 -34.62 4.29 -25.71
CA ALA A 409 -35.36 3.61 -24.64
C ALA A 409 -35.75 4.53 -23.47
N GLN A 410 -34.86 5.44 -23.08
CA GLN A 410 -35.13 6.39 -21.99
C GLN A 410 -36.17 7.45 -22.35
N ASN A 411 -36.11 7.93 -23.60
CA ASN A 411 -37.14 8.83 -24.15
C ASN A 411 -38.48 8.10 -24.30
N LEU A 412 -38.44 6.84 -24.75
CA LEU A 412 -39.62 5.98 -24.82
C LEU A 412 -40.20 5.66 -23.44
N ALA A 413 -39.31 5.45 -22.47
CA ALA A 413 -39.70 5.22 -21.07
C ALA A 413 -40.30 6.46 -20.40
N ASN A 414 -39.76 7.64 -20.72
CA ASN A 414 -40.21 8.92 -20.15
C ASN A 414 -41.71 9.22 -20.39
N THR A 415 -42.27 8.66 -21.47
CA THR A 415 -43.71 8.77 -21.77
C THR A 415 -44.59 8.26 -20.63
N LEU A 416 -44.35 7.02 -20.22
CA LEU A 416 -45.13 6.38 -19.16
C LEU A 416 -44.69 6.89 -17.79
N ALA B 2 36.31 9.84 8.75
CA ALA B 2 35.41 8.76 8.25
C ALA B 2 34.49 8.27 9.37
N LYS B 3 35.08 7.79 10.45
CA LYS B 3 34.34 7.06 11.49
C LYS B 3 33.53 7.98 12.40
N LEU B 4 32.31 7.56 12.73
CA LEU B 4 31.48 8.24 13.72
C LEU B 4 32.10 8.10 15.12
N THR B 5 32.41 9.23 15.75
CA THR B 5 33.00 9.24 17.10
C THR B 5 32.27 10.22 18.03
N ILE B 6 32.38 9.97 19.34
CA ILE B 6 31.72 10.77 20.40
C ILE B 6 32.77 11.52 21.21
N GLU B 7 32.40 12.69 21.75
CA GLU B 7 33.27 13.51 22.60
C GLU B 7 32.46 14.04 23.78
N SER B 8 32.96 13.83 25.00
CA SER B 8 32.27 14.28 26.22
C SER B 8 32.77 15.65 26.65
N MET B 9 31.84 16.57 26.88
CA MET B 9 32.15 17.96 27.26
C MET B 9 31.36 18.34 28.52
N PRO B 10 32.00 18.44 29.69
CA PRO B 10 33.42 18.17 29.90
C PRO B 10 33.73 16.68 29.86
N LEU B 11 35.03 16.39 29.82
CA LEU B 11 35.52 15.01 29.72
C LEU B 11 35.24 14.27 31.01
N SER B 12 35.63 14.89 32.14
CA SER B 12 35.26 14.42 33.48
C SER B 12 34.33 15.46 34.11
N VAL B 13 33.25 14.98 34.74
CA VAL B 13 32.12 15.82 35.19
C VAL B 13 32.08 15.90 36.72
N ALA B 14 31.50 16.99 37.24
CA ALA B 14 31.21 17.12 38.67
C ALA B 14 29.75 16.76 38.91
N GLU B 15 29.48 16.18 40.09
CA GLU B 15 28.14 15.72 40.44
C GLU B 15 27.18 16.92 40.57
N GLY B 16 26.06 16.85 39.86
CA GLY B 16 25.06 17.93 39.84
C GLY B 16 25.19 18.89 38.65
N LYS B 17 26.33 18.88 37.96
CA LYS B 17 26.55 19.69 36.76
C LYS B 17 26.11 18.87 35.52
N GLU B 18 26.49 19.34 34.32
CA GLU B 18 26.02 18.75 33.06
C GLU B 18 27.17 18.26 32.16
N VAL B 19 26.82 17.36 31.24
CA VAL B 19 27.77 16.83 30.24
C VAL B 19 27.11 16.79 28.87
N LEU B 20 27.92 17.00 27.83
CA LEU B 20 27.47 17.03 26.44
C LEU B 20 28.23 16.00 25.60
N LEU B 21 27.50 15.01 25.11
CA LEU B 21 28.05 14.02 24.21
C LEU B 21 27.92 14.56 22.79
N LEU B 22 28.99 15.18 22.29
CA LEU B 22 29.04 15.65 20.91
C LEU B 22 29.20 14.48 19.96
N VAL B 23 28.80 14.68 18.70
CA VAL B 23 28.92 13.67 17.66
C VAL B 23 29.75 14.25 16.53
N HIS B 24 30.89 13.61 16.25
CA HIS B 24 31.73 13.98 15.12
C HIS B 24 31.48 13.02 13.97
N ASN B 25 31.54 13.54 12.75
CA ASN B 25 31.39 12.76 11.52
C ASN B 25 30.02 12.08 11.40
N LEU B 26 28.98 12.78 11.81
CA LEU B 26 27.61 12.33 11.59
C LEU B 26 27.39 12.33 10.08
N PRO B 27 26.97 11.18 9.51
CA PRO B 27 26.73 11.18 8.07
C PRO B 27 25.48 11.97 7.73
N GLN B 28 25.52 12.69 6.61
CA GLN B 28 24.32 13.34 6.06
C GLN B 28 23.40 12.20 5.65
N HIS B 29 22.13 12.52 5.42
CA HIS B 29 21.17 11.52 4.95
C HIS B 29 20.98 10.41 6.01
N LEU B 30 20.07 10.69 6.94
CA LEU B 30 19.69 9.74 8.00
C LEU B 30 18.19 9.48 7.96
N PHE B 31 17.82 8.29 8.43
CA PHE B 31 16.44 7.96 8.71
C PHE B 31 16.14 8.30 10.17
N GLY B 32 17.11 8.04 11.04
CA GLY B 32 16.96 8.36 12.44
C GLY B 32 18.13 7.90 13.25
N TYR B 33 18.08 8.17 14.55
CA TYR B 33 19.11 7.75 15.50
C TYR B 33 18.52 7.58 16.89
N SER B 34 19.29 6.91 17.74
CA SER B 34 18.85 6.57 19.09
C SER B 34 20.04 6.48 20.05
N TRP B 35 19.84 6.98 21.27
CA TRP B 35 20.85 6.97 22.33
C TRP B 35 20.52 5.92 23.37
N TYR B 36 21.55 5.24 23.86
CA TYR B 36 21.42 4.14 24.81
C TYR B 36 22.32 4.37 26.00
N LYS B 37 21.87 3.87 27.15
CA LYS B 37 22.75 3.77 28.31
C LYS B 37 23.52 2.47 28.19
N GLY B 38 24.84 2.55 28.36
CA GLY B 38 25.74 1.38 28.30
C GLY B 38 26.47 1.21 26.98
N GLU B 39 27.20 0.09 26.90
CA GLU B 39 28.06 -0.26 25.75
C GLU B 39 27.26 -0.69 24.53
N ARG B 40 26.13 -1.36 24.79
CA ARG B 40 25.38 -2.07 23.77
C ARG B 40 24.20 -1.23 23.30
N VAL B 41 23.90 -1.35 22.00
CA VAL B 41 22.60 -0.95 21.49
C VAL B 41 21.62 -2.01 22.00
N ASP B 42 20.83 -1.64 23.00
CA ASP B 42 19.85 -2.54 23.61
C ASP B 42 18.56 -1.76 23.89
N GLY B 43 17.45 -2.24 23.32
CA GLY B 43 16.16 -1.56 23.40
C GLY B 43 15.75 -1.08 24.78
N ASN B 44 15.88 -1.95 25.77
CA ASN B 44 15.47 -1.62 27.15
C ASN B 44 16.32 -0.54 27.81
N SER B 45 17.53 -0.29 27.28
CA SER B 45 18.40 0.80 27.74
C SER B 45 18.28 2.09 26.92
N GLN B 46 17.31 2.15 26.01
CA GLN B 46 17.17 3.31 25.12
C GLN B 46 16.68 4.52 25.90
N ILE B 47 17.44 5.61 25.79
CA ILE B 47 17.11 6.87 26.45
C ILE B 47 16.12 7.65 25.59
N VAL B 48 16.40 7.76 24.29
CA VAL B 48 15.50 8.43 23.35
C VAL B 48 15.83 8.07 21.89
N GLY B 49 14.81 8.02 21.04
CA GLY B 49 14.97 7.86 19.58
C GLY B 49 14.36 9.02 18.80
N TYR B 50 15.06 9.48 17.75
CA TYR B 50 14.58 10.59 16.87
C TYR B 50 14.51 10.18 15.38
N VAL B 51 13.43 10.58 14.70
CA VAL B 51 13.24 10.34 13.27
C VAL B 51 13.30 11.67 12.53
N ILE B 52 13.91 11.66 11.35
CA ILE B 52 14.34 12.90 10.68
C ILE B 52 13.20 13.82 10.20
N GLY B 53 12.07 13.25 9.81
CA GLY B 53 10.94 14.07 9.36
C GLY B 53 10.06 14.68 10.45
N THR B 54 10.25 14.24 11.69
CA THR B 54 9.16 14.28 12.69
C THR B 54 9.02 15.51 13.58
N GLN B 55 10.13 16.19 13.90
CA GLN B 55 10.17 17.34 14.84
C GLN B 55 10.18 16.99 16.34
N GLN B 56 9.60 15.86 16.72
CA GLN B 56 9.56 15.40 18.13
C GLN B 56 10.31 14.08 18.29
N ALA B 57 11.01 13.92 19.41
CA ALA B 57 11.76 12.71 19.73
C ALA B 57 10.97 11.83 20.69
N THR B 58 11.05 10.51 20.53
CA THR B 58 10.31 9.57 21.37
C THR B 58 11.21 8.88 22.42
N PRO B 59 11.11 9.27 23.71
CA PRO B 59 11.89 8.59 24.77
C PRO B 59 11.64 7.08 24.91
N GLY B 60 12.58 6.42 25.58
CA GLY B 60 12.49 4.99 25.91
C GLY B 60 12.58 4.80 27.41
N ALA B 61 12.80 3.56 27.83
CA ALA B 61 12.79 3.20 29.26
C ALA B 61 13.87 3.90 30.09
N ALA B 62 15.03 4.16 29.49
CA ALA B 62 16.15 4.78 30.21
C ALA B 62 16.03 6.32 30.42
N TYR B 63 15.00 6.94 29.86
CA TYR B 63 14.79 8.40 29.99
C TYR B 63 14.51 8.80 31.45
N SER B 64 15.54 9.30 32.12
CA SER B 64 15.42 9.81 33.50
C SER B 64 14.77 11.20 33.61
N GLY B 65 14.81 11.99 32.55
CA GLY B 65 14.17 13.31 32.53
C GLY B 65 15.11 14.49 32.57
N ARG B 66 16.41 14.25 32.41
CA ARG B 66 17.39 15.33 32.24
C ARG B 66 18.09 15.27 30.87
N GLU B 67 17.62 14.40 29.98
CA GLU B 67 18.25 14.19 28.68
C GLU B 67 17.56 15.01 27.61
N THR B 68 18.36 15.82 26.92
CA THR B 68 17.89 16.62 25.80
C THR B 68 18.71 16.20 24.58
N ILE B 69 18.09 15.46 23.67
CA ILE B 69 18.68 15.16 22.37
C ILE B 69 18.50 16.36 21.42
N TYR B 70 19.52 16.62 20.61
CA TYR B 70 19.46 17.61 19.56
C TYR B 70 19.50 16.94 18.23
N THR B 71 19.18 17.71 17.22
CA THR B 71 19.05 17.21 15.87
C THR B 71 20.39 17.26 15.09
N ASN B 72 21.48 17.64 15.77
CA ASN B 72 22.84 17.31 15.34
C ASN B 72 23.34 16.02 16.01
N ALA B 73 22.42 15.29 16.64
CA ALA B 73 22.68 14.01 17.32
C ALA B 73 23.35 14.12 18.69
N SER B 74 23.63 15.33 19.16
CA SER B 74 24.27 15.47 20.47
C SER B 74 23.25 15.24 21.60
N LEU B 75 23.74 14.80 22.76
CA LEU B 75 22.91 14.52 23.94
C LEU B 75 23.42 15.29 25.15
N LEU B 76 22.58 16.17 25.69
CA LEU B 76 22.87 16.89 26.93
C LEU B 76 22.24 16.16 28.10
N ILE B 77 23.01 15.96 29.16
CA ILE B 77 22.51 15.34 30.39
C ILE B 77 22.80 16.26 31.56
N GLN B 78 21.75 16.77 32.19
CA GLN B 78 21.86 17.73 33.28
C GLN B 78 21.59 17.06 34.62
N ASN B 79 21.94 17.75 35.72
CA ASN B 79 21.79 17.23 37.10
C ASN B 79 22.30 15.80 37.24
N VAL B 80 23.52 15.62 36.77
CA VAL B 80 24.15 14.30 36.71
C VAL B 80 24.27 13.73 38.11
N THR B 81 23.99 12.44 38.24
CA THR B 81 24.19 11.69 39.48
C THR B 81 25.43 10.81 39.33
N GLN B 82 25.82 10.16 40.41
CA GLN B 82 26.88 9.15 40.38
C GLN B 82 26.44 7.91 39.58
N ASN B 83 25.13 7.64 39.58
CA ASN B 83 24.55 6.55 38.81
C ASN B 83 24.69 6.73 37.27
N ASP B 84 24.93 7.96 36.81
CA ASP B 84 25.24 8.22 35.38
C ASP B 84 26.67 7.85 34.92
N ILE B 85 27.53 7.38 35.82
CA ILE B 85 28.87 6.87 35.48
C ILE B 85 28.86 5.95 34.25
N GLY B 86 29.92 6.05 33.43
CA GLY B 86 30.22 5.03 32.43
C GLY B 86 29.75 5.35 31.02
N PHE B 87 29.35 4.31 30.31
CA PHE B 87 29.20 4.35 28.85
C PHE B 87 27.82 4.82 28.39
N TYR B 88 27.80 5.41 27.19
CA TYR B 88 26.58 5.76 26.47
C TYR B 88 26.81 5.47 24.99
N THR B 89 25.85 4.81 24.35
CA THR B 89 26.02 4.38 22.97
C THR B 89 24.96 4.98 22.04
N LEU B 90 25.42 5.49 20.88
CA LEU B 90 24.58 6.06 19.85
C LEU B 90 24.54 5.11 18.65
N GLN B 91 23.33 4.76 18.19
CA GLN B 91 23.14 4.12 16.89
C GLN B 91 22.45 5.10 15.94
N VAL B 92 23.01 5.19 14.74
CA VAL B 92 22.46 5.98 13.65
C VAL B 92 21.96 4.99 12.60
N ILE B 93 20.79 5.26 12.01
CA ILE B 93 20.31 4.53 10.82
C ILE B 93 20.29 5.49 9.63
N LYS B 94 21.14 5.23 8.65
CA LYS B 94 21.24 6.08 7.46
C LYS B 94 20.06 5.78 6.52
N SER B 95 19.90 6.65 5.50
CA SER B 95 18.75 6.59 4.59
C SER B 95 18.60 5.27 3.82
N ASP B 96 19.73 4.64 3.53
CA ASP B 96 19.78 3.30 2.93
C ASP B 96 19.63 2.14 3.96
N LEU B 97 19.23 2.44 5.20
CA LEU B 97 19.10 1.48 6.31
C LEU B 97 20.41 0.82 6.79
N VAL B 98 21.54 1.42 6.45
CA VAL B 98 22.84 0.97 6.94
C VAL B 98 23.11 1.71 8.25
N ASN B 99 23.39 0.97 9.33
CA ASN B 99 23.64 1.59 10.64
C ASN B 99 25.13 1.83 10.93
N GLU B 100 25.40 2.83 11.74
CA GLU B 100 26.73 3.11 12.29
C GLU B 100 26.60 3.23 13.80
N GLU B 101 27.64 2.82 14.52
CA GLU B 101 27.66 2.84 16.00
C GLU B 101 28.77 3.75 16.50
N ALA B 102 28.61 4.19 17.75
CA ALA B 102 29.65 4.95 18.44
C ALA B 102 29.37 4.97 19.92
N THR B 103 30.43 4.87 20.73
CA THR B 103 30.30 4.85 22.17
C THR B 103 30.93 6.11 22.75
N GLY B 104 30.37 6.58 23.87
CA GLY B 104 30.92 7.67 24.67
C GLY B 104 30.98 7.30 26.14
N GLN B 105 31.78 8.04 26.90
CA GLN B 105 31.83 7.90 28.36
C GLN B 105 32.25 9.21 29.01
N PHE B 106 31.73 9.45 30.21
CA PHE B 106 32.25 10.47 31.11
C PHE B 106 32.38 9.90 32.53
N HIS B 107 33.41 10.36 33.24
CA HIS B 107 33.63 9.97 34.62
C HIS B 107 33.22 11.13 35.54
N VAL B 108 32.32 10.85 36.49
CA VAL B 108 31.86 11.83 37.48
C VAL B 108 32.74 11.76 38.73
N TYR B 109 32.92 12.89 39.41
CA TYR B 109 33.63 12.95 40.70
C TYR B 109 32.79 13.65 41.78
#